data_6PNY
#
_entry.id   6PNY
#
_cell.length_a   28.000
_cell.length_b   51.900
_cell.length_c   68.100
_cell.angle_alpha   90.000
_cell.angle_beta   90.000
_cell.angle_gamma   90.000
#
_symmetry.space_group_name_H-M   'P 21 21 21'
#
loop_
_entity.id
_entity.type
_entity.pdbx_description
1 polymer Flpp3
2 water water
#
_entity_poly.entity_id   1
_entity_poly.type   'polypeptide(L)'
_entity_poly.pdbx_seq_one_letter_code
;MHHHHHHIEGRQYKDGYYITTLNYNFNTVYNATLQAIQNGQTFDYKSNPYDISVNKNNGTDAEIVSASDSDSTDSLQVAM
KKLPNNATRISIKYGSQGNSIRSSALIGIIEGNIRYANT
;
_entity_poly.pdbx_strand_id   A
#
# COMPACT_ATOMS: atom_id res chain seq x y z
N HIS A 4 -11.20 18.94 -3.31
CA HIS A 4 -10.99 19.00 -1.87
C HIS A 4 -9.51 19.09 -1.55
N HIS A 5 -8.68 18.54 -2.43
CA HIS A 5 -7.23 18.55 -2.26
C HIS A 5 -6.57 19.20 -3.46
N HIS A 6 -5.36 19.73 -3.24
CA HIS A 6 -4.64 20.41 -4.30
C HIS A 6 -4.30 19.43 -5.43
N HIS A 7 -4.25 19.96 -6.64
CA HIS A 7 -3.91 19.16 -7.81
C HIS A 7 -2.48 18.66 -7.72
N ILE A 8 -2.28 17.38 -8.05
CA ILE A 8 -0.95 16.79 -8.08
C ILE A 8 -0.80 15.97 -9.35
N GLU A 9 0.45 15.80 -9.79
CA GLU A 9 0.77 14.94 -10.91
C GLU A 9 2.03 14.15 -10.56
N GLY A 10 2.03 12.87 -10.93
CA GLY A 10 3.17 12.04 -10.64
C GLY A 10 3.26 11.69 -9.16
N ARG A 11 4.44 11.16 -8.81
CA ARG A 11 4.71 10.68 -7.46
C ARG A 11 5.03 11.83 -6.52
N GLN A 12 4.64 11.65 -5.25
CA GLN A 12 4.95 12.58 -4.19
C GLN A 12 5.55 11.83 -3.00
N TYR A 13 6.33 12.53 -2.20
CA TYR A 13 6.88 11.96 -0.97
C TYR A 13 7.03 13.10 0.03
N LYS A 14 6.24 13.07 1.10
CA LYS A 14 6.31 14.14 2.08
C LYS A 14 5.94 13.61 3.46
N ASP A 15 6.78 13.92 4.44
CA ASP A 15 6.56 13.50 5.83
C ASP A 15 6.38 11.99 5.91
N GLY A 16 7.12 11.28 5.07
CA GLY A 16 7.14 9.82 5.09
C GLY A 16 6.06 9.16 4.27
N TYR A 17 5.11 9.92 3.71
CA TYR A 17 4.03 9.36 2.93
C TYR A 17 4.41 9.39 1.46
N TYR A 18 4.44 8.21 0.84
CA TYR A 18 4.67 8.03 -0.58
C TYR A 18 3.32 7.96 -1.28
N ILE A 19 3.05 8.89 -2.18
CA ILE A 19 1.73 9.03 -2.80
C ILE A 19 1.88 8.99 -4.31
N THR A 20 1.05 8.20 -4.97
CA THR A 20 1.02 8.17 -6.43
C THR A 20 -0.38 7.77 -6.88
N THR A 21 -0.55 7.72 -8.19
CA THR A 21 -1.84 7.36 -8.80
C THR A 21 -1.64 6.12 -9.65
N LEU A 22 -2.55 5.15 -9.48
CA LEU A 22 -2.50 3.89 -10.19
C LEU A 22 -3.73 3.78 -11.08
N ASN A 23 -3.52 3.53 -12.37
CA ASN A 23 -4.64 3.42 -13.31
C ASN A 23 -5.18 1.99 -13.33
N TYR A 24 -5.61 1.54 -12.16
CA TYR A 24 -6.28 0.25 -12.00
C TYR A 24 -7.55 0.44 -11.19
N ASN A 25 -8.45 -0.53 -11.30
CA ASN A 25 -9.71 -0.47 -10.58
C ASN A 25 -9.47 -0.48 -9.07
N PHE A 26 -10.23 0.35 -8.35
CA PHE A 26 -10.01 0.58 -6.93
C PHE A 26 -10.03 -0.72 -6.13
N ASN A 27 -11.09 -1.53 -6.30
CA ASN A 27 -11.16 -2.75 -5.51
C ASN A 27 -10.07 -3.73 -5.87
N THR A 28 -9.61 -3.73 -7.13
CA THR A 28 -8.51 -4.62 -7.52
CA THR A 28 -8.51 -4.63 -7.50
C THR A 28 -7.21 -4.22 -6.82
N VAL A 29 -6.99 -2.90 -6.64
CA VAL A 29 -5.81 -2.45 -5.93
C VAL A 29 -5.87 -2.86 -4.47
N TYR A 30 -7.06 -2.73 -3.85
CA TYR A 30 -7.24 -3.16 -2.47
C TYR A 30 -6.89 -4.63 -2.30
N ASN A 31 -7.46 -5.49 -3.13
CA ASN A 31 -7.23 -6.92 -2.97
C ASN A 31 -5.78 -7.27 -3.24
N ALA A 32 -5.17 -6.64 -4.25
CA ALA A 32 -3.77 -6.93 -4.55
C ALA A 32 -2.85 -6.52 -3.42
N THR A 33 -3.19 -5.43 -2.72
CA THR A 33 -2.37 -4.99 -1.60
C THR A 33 -2.52 -5.92 -0.41
N LEU A 34 -3.75 -6.30 -0.08
CA LEU A 34 -3.96 -7.29 0.98
C LEU A 34 -3.15 -8.54 0.70
N GLN A 35 -3.16 -8.99 -0.55
CA GLN A 35 -2.42 -10.20 -0.90
C GLN A 35 -0.93 -10.03 -0.66
N ALA A 36 -0.37 -8.89 -1.08
CA ALA A 36 1.05 -8.67 -0.92
C ALA A 36 1.46 -8.68 0.54
N ILE A 37 0.62 -8.14 1.41
CA ILE A 37 0.94 -8.13 2.84
C ILE A 37 0.76 -9.50 3.46
N GLN A 38 -0.40 -10.13 3.22
CA GLN A 38 -0.73 -11.34 3.95
C GLN A 38 0.21 -12.50 3.61
N ASN A 39 0.65 -12.59 2.35
CA ASN A 39 1.53 -13.67 1.94
CA ASN A 39 1.53 -13.67 1.93
C ASN A 39 3.00 -13.27 1.93
N GLY A 40 3.32 -12.09 2.46
CA GLY A 40 4.71 -11.72 2.66
C GLY A 40 5.52 -11.39 1.44
N GLN A 41 4.88 -10.90 0.37
CA GLN A 41 5.65 -10.36 -0.74
C GLN A 41 6.47 -9.16 -0.28
N THR A 42 5.95 -8.40 0.68
CA THR A 42 6.73 -7.48 1.49
CA THR A 42 6.74 -7.48 1.48
C THR A 42 6.82 -8.05 2.90
N PHE A 43 7.97 -7.91 3.55
CA PHE A 43 8.18 -8.54 4.84
C PHE A 43 9.01 -7.66 5.75
N ASP A 44 8.98 -7.99 7.05
CA ASP A 44 9.65 -7.17 8.05
C ASP A 44 11.13 -7.51 8.13
N TYR A 45 11.83 -6.83 9.03
CA TYR A 45 13.28 -6.99 9.16
C TYR A 45 13.68 -8.44 9.46
N LYS A 46 12.76 -9.24 9.98
CA LYS A 46 13.07 -10.62 10.35
C LYS A 46 12.42 -11.62 9.40
N SER A 47 12.06 -11.19 8.20
CA SER A 47 11.57 -12.05 7.12
C SER A 47 10.12 -12.49 7.31
N ASN A 48 9.42 -11.93 8.25
CA ASN A 48 8.04 -12.35 8.51
C ASN A 48 7.04 -11.40 7.87
N PRO A 49 5.89 -11.90 7.46
CA PRO A 49 4.83 -11.00 6.99
C PRO A 49 4.41 -10.04 8.10
N TYR A 50 4.00 -8.84 7.68
CA TYR A 50 3.42 -7.89 8.63
C TYR A 50 2.06 -8.39 9.10
N ASP A 51 1.74 -8.10 10.36
CA ASP A 51 0.47 -8.49 10.95
CA ASP A 51 0.47 -8.49 10.95
C ASP A 51 -0.54 -7.36 10.80
N ILE A 52 -1.63 -7.63 10.08
CA ILE A 52 -2.65 -6.62 9.83
C ILE A 52 -3.54 -6.50 11.06
N SER A 53 -3.70 -5.27 11.56
CA SER A 53 -4.61 -5.01 12.67
C SER A 53 -5.95 -4.46 12.21
N VAL A 54 -6.00 -3.75 11.10
CA VAL A 54 -7.27 -3.30 10.53
C VAL A 54 -7.13 -3.18 9.03
N ASN A 55 -8.16 -3.64 8.31
CA ASN A 55 -8.32 -3.29 6.90
C ASN A 55 -9.80 -3.02 6.67
N LYS A 56 -10.10 -1.93 5.96
CA LYS A 56 -11.47 -1.52 5.70
C LYS A 56 -11.58 -0.99 4.28
N ASN A 57 -12.74 -1.20 3.67
CA ASN A 57 -12.99 -0.74 2.32
C ASN A 57 -14.49 -0.55 2.15
N ASN A 58 -14.90 0.64 1.70
CA ASN A 58 -16.30 0.89 1.41
C ASN A 58 -16.56 1.11 -0.07
N GLY A 59 -15.59 0.80 -0.93
CA GLY A 59 -15.73 1.01 -2.36
C GLY A 59 -15.24 2.34 -2.85
N THR A 60 -15.03 3.30 -1.96
CA THR A 60 -14.51 4.61 -2.30
C THR A 60 -13.25 4.96 -1.53
N ASP A 61 -13.21 4.65 -0.23
CA ASP A 61 -12.03 4.86 0.61
C ASP A 61 -11.68 3.55 1.28
N ALA A 62 -10.38 3.29 1.46
CA ALA A 62 -9.94 2.07 2.12
C ALA A 62 -8.64 2.35 2.86
N GLU A 63 -8.35 1.49 3.85
CA GLU A 63 -7.13 1.62 4.63
C GLU A 63 -6.70 0.25 5.14
N ILE A 64 -5.40 0.10 5.27
CA ILE A 64 -4.77 -1.10 5.82
C ILE A 64 -3.71 -0.64 6.82
N VAL A 65 -3.74 -1.20 8.03
CA VAL A 65 -2.76 -0.89 9.05
C VAL A 65 -2.14 -2.19 9.53
N SER A 66 -0.81 -2.25 9.54
CA SER A 66 -0.10 -3.47 9.88
C SER A 66 1.23 -3.13 10.54
N ALA A 67 1.78 -4.10 11.26
CA ALA A 67 3.07 -3.90 11.92
C ALA A 67 3.70 -5.25 12.19
N SER A 68 5.01 -5.22 12.46
CA SER A 68 5.77 -6.42 12.71
C SER A 68 5.51 -6.96 14.11
N ASP A 69 5.44 -8.28 14.22
CA ASP A 69 5.23 -8.91 15.53
C ASP A 69 6.44 -8.79 16.44
N SER A 70 7.63 -8.52 15.89
CA SER A 70 8.84 -8.44 16.70
C SER A 70 9.38 -7.02 16.83
N ASP A 71 8.69 -6.02 16.28
CA ASP A 71 9.13 -4.63 16.41
C ASP A 71 7.92 -3.75 16.10
N SER A 72 7.35 -3.13 17.13
CA SER A 72 6.15 -2.33 16.92
C SER A 72 6.39 -1.07 16.11
N THR A 73 7.65 -0.66 15.94
CA THR A 73 7.96 0.50 15.11
C THR A 73 8.11 0.14 13.64
N ASP A 74 8.22 -1.14 13.32
CA ASP A 74 8.34 -1.61 11.94
C ASP A 74 6.92 -1.81 11.39
N SER A 75 6.36 -0.71 10.92
CA SER A 75 4.95 -0.64 10.57
C SER A 75 4.77 -0.36 9.08
N LEU A 76 3.58 -0.68 8.59
CA LEU A 76 3.22 -0.41 7.20
C LEU A 76 1.75 0.01 7.17
N GLN A 77 1.49 1.22 6.71
CA GLN A 77 0.15 1.77 6.64
C GLN A 77 -0.14 2.21 5.21
N VAL A 78 -1.28 1.80 4.69
CA VAL A 78 -1.68 2.08 3.32
C VAL A 78 -3.07 2.70 3.34
N ALA A 79 -3.25 3.74 2.53
CA ALA A 79 -4.55 4.38 2.34
C ALA A 79 -4.82 4.53 0.86
N MET A 80 -6.09 4.38 0.48
CA MET A 80 -6.51 4.35 -0.91
C MET A 80 -7.76 5.19 -1.11
N LYS A 81 -7.85 5.87 -2.25
CA LYS A 81 -9.02 6.66 -2.60
C LYS A 81 -9.39 6.40 -4.06
N LYS A 82 -10.68 6.20 -4.32
CA LYS A 82 -11.16 5.98 -5.68
C LYS A 82 -11.15 7.29 -6.47
N LEU A 83 -10.62 7.24 -7.68
CA LEU A 83 -10.64 8.34 -8.64
C LEU A 83 -11.55 8.00 -9.80
N PRO A 84 -12.04 9.00 -10.54
CA PRO A 84 -12.85 8.70 -11.73
C PRO A 84 -12.06 7.93 -12.77
N ASN A 85 -12.79 7.34 -13.72
CA ASN A 85 -12.17 6.63 -14.84
C ASN A 85 -11.26 5.50 -14.34
N ASN A 86 -11.74 4.77 -13.34
CA ASN A 86 -11.02 3.61 -12.81
C ASN A 86 -9.54 3.94 -12.54
N ALA A 87 -9.35 4.93 -11.68
CA ALA A 87 -8.03 5.29 -11.18
C ALA A 87 -8.05 5.26 -9.67
N THR A 88 -6.87 5.08 -9.08
CA THR A 88 -6.73 4.90 -7.64
C THR A 88 -5.57 5.74 -7.12
N ARG A 89 -5.84 6.59 -6.15
CA ARG A 89 -4.80 7.33 -5.44
C ARG A 89 -4.40 6.52 -4.21
N ILE A 90 -3.10 6.33 -4.02
CA ILE A 90 -2.60 5.44 -2.98
C ILE A 90 -1.51 6.15 -2.20
N SER A 91 -1.50 5.91 -0.89
CA SER A 91 -0.55 6.51 0.04
C SER A 91 0.04 5.40 0.90
N ILE A 92 1.37 5.32 0.94
CA ILE A 92 2.09 4.25 1.61
C ILE A 92 3.09 4.88 2.58
N LYS A 93 3.10 4.39 3.82
CA LYS A 93 4.10 4.84 4.79
C LYS A 93 4.68 3.65 5.53
N TYR A 94 6.00 3.48 5.45
CA TYR A 94 6.74 2.49 6.21
C TYR A 94 7.32 3.16 7.45
N GLY A 95 6.96 2.67 8.63
CA GLY A 95 7.50 3.17 9.86
C GLY A 95 6.99 4.57 10.19
N SER A 96 7.64 5.16 11.21
CA SER A 96 7.30 6.52 11.60
C SER A 96 7.94 7.57 10.71
N GLN A 97 9.05 7.24 10.05
CA GLN A 97 9.78 8.21 9.23
C GLN A 97 9.55 8.02 7.74
N GLY A 98 9.00 6.89 7.32
CA GLY A 98 8.83 6.60 5.92
C GLY A 98 10.03 5.91 5.31
N ASN A 99 9.79 5.31 4.14
CA ASN A 99 10.86 4.68 3.37
C ASN A 99 10.44 4.73 1.91
N SER A 100 11.02 5.68 1.17
CA SER A 100 10.61 5.90 -0.23
CA SER A 100 10.61 5.90 -0.23
C SER A 100 10.91 4.68 -1.10
N ILE A 101 12.06 4.04 -0.86
CA ILE A 101 12.46 2.91 -1.71
C ILE A 101 11.51 1.74 -1.52
N ARG A 102 11.25 1.38 -0.27
CA ARG A 102 10.34 0.26 -0.02
C ARG A 102 8.94 0.57 -0.50
N SER A 103 8.51 1.83 -0.46
CA SER A 103 7.19 2.19 -0.97
C SER A 103 7.13 2.02 -2.48
N SER A 104 8.18 2.44 -3.19
CA SER A 104 8.23 2.24 -4.63
CA SER A 104 8.22 2.25 -4.64
C SER A 104 8.21 0.76 -4.99
N ALA A 105 8.90 -0.06 -4.20
CA ALA A 105 8.89 -1.50 -4.44
C ALA A 105 7.50 -2.07 -4.27
N LEU A 106 6.79 -1.63 -3.22
CA LEU A 106 5.44 -2.14 -2.97
C LEU A 106 4.50 -1.81 -4.12
N ILE A 107 4.66 -0.63 -4.72
CA ILE A 107 3.84 -0.27 -5.88
C ILE A 107 4.06 -1.28 -7.01
N GLY A 108 5.32 -1.61 -7.27
CA GLY A 108 5.62 -2.58 -8.31
C GLY A 108 5.06 -3.96 -8.00
N ILE A 109 5.05 -4.34 -6.73
CA ILE A 109 4.48 -5.63 -6.36
C ILE A 109 2.97 -5.62 -6.58
N ILE A 110 2.30 -4.54 -6.21
CA ILE A 110 0.86 -4.43 -6.42
C ILE A 110 0.53 -4.52 -7.90
N GLU A 111 1.26 -3.77 -8.73
CA GLU A 111 1.01 -3.80 -10.17
C GLU A 111 1.18 -5.20 -10.73
N GLY A 112 2.26 -5.88 -10.34
CA GLY A 112 2.47 -7.24 -10.79
C GLY A 112 1.37 -8.19 -10.38
N ASN A 113 0.83 -8.01 -9.16
CA ASN A 113 -0.23 -8.89 -8.70
C ASN A 113 -1.49 -8.71 -9.54
N ILE A 114 -1.81 -7.47 -9.91
CA ILE A 114 -3.01 -7.22 -10.73
C ILE A 114 -2.81 -7.80 -12.13
N ARG A 115 -1.69 -7.44 -12.78
CA ARG A 115 -1.49 -7.80 -14.17
C ARG A 115 -1.46 -9.30 -14.39
N TYR A 116 -1.03 -10.07 -13.38
CA TYR A 116 -0.89 -11.50 -13.53
C TYR A 116 -1.82 -12.27 -12.59
N ALA A 117 -2.87 -11.62 -12.09
CA ALA A 117 -3.97 -12.30 -11.39
C ALA A 117 -3.50 -13.04 -10.15
N ASN A 118 -2.56 -12.46 -9.42
CA ASN A 118 -2.18 -12.97 -8.11
C ASN A 118 -2.86 -12.15 -7.02
N THR A 119 -4.17 -12.34 -6.91
CA THR A 119 -4.99 -11.59 -5.97
C THR A 119 -5.92 -12.51 -5.18
#